data_9LJR
#
_entry.id   9LJR
#
_cell.length_a   138.876
_cell.length_b   138.876
_cell.length_c   93.227
_cell.angle_alpha   90.00
_cell.angle_beta   90.00
_cell.angle_gamma   120.00
#
_symmetry.space_group_name_H-M   'P 65'
#
loop_
_entity.id
_entity.type
_entity.pdbx_description
1 polymer 'RNA-directed RNA polymerase'
2 polymer "RNA (5'-R(P*CP*GP*U)-3')"
3 non-polymer "CYTIDINE-5'-DIPHOSPHATE"
4 non-polymer 'FLAVIN-ADENINE DINUCLEOTIDE'
5 non-polymer 'MANGANESE (II) ION'
6 water water
#
loop_
_entity_poly.entity_id
_entity_poly.type
_entity_poly.pdbx_seq_one_letter_code
_entity_poly.pdbx_strand_id
1 'polypeptide(L)'
;SSMSYSWTGALITPCGPEEEKLPINPLSNSLLRYHNKVYCTTSKSASQRAKKVTFDRTQVLDAHYDSVLKDIKLAASKVS
ARLLTLQQACQLTPPHSARSKYGFGAKEVRSLSGRAVNHIKSVWKDLLEDPQTPIPTTIMAKNEVFCVDPAKGGKKPARL
IVYPDLGVRVCEKMALYDITQKLPQAVMGASYGFQYSPAQRVEYLLKAWAEKKDPMGFSYDTRHFDSTVTERDIRTEESI
YQACSLPEEARTAIHSLTERLYVGGPMFNSKGQTCGYRRCRASGVLTTSMGNTITCYVKALAACKAAGIVAPTMLVCGDD
LIVISESQGTEEDERNLRAFTEAMTRYSAPPGDPPRPEYDLELITSCSSNVSVALGPRGRRRYYLTRDPTTPLARAAWET
VRHSPINSWLGNIIQYAPTIWVRMVLMTHFFSILMVQDTLDQNLNFEMYGSVYSVNPLDLPAIIERLHGLDAFSMHTYSH
HELTRVASALRKLGAPPLRVWKSRARAVRASLISRGGKAAVCGRYLFNWAVKTKLKLTPLPEARLLDLSSWFTV
;
A
2 'polyribonucleotide' CGU T
#
# COMPACT_ATOMS: atom_id res chain seq x y z
N SER A 1 11.06 -15.26 24.81
CA SER A 1 9.77 -14.91 25.42
C SER A 1 8.59 -15.61 24.72
N SER A 2 7.87 -14.90 23.84
CA SER A 2 6.60 -15.35 23.28
C SER A 2 6.69 -15.72 21.81
N MET A 3 5.92 -16.73 21.42
CA MET A 3 5.83 -17.19 20.04
C MET A 3 4.71 -16.46 19.31
N SER A 4 5.00 -16.05 18.06
CA SER A 4 4.04 -15.27 17.29
C SER A 4 2.75 -16.04 17.06
N TYR A 5 2.86 -17.32 16.75
CA TYR A 5 1.70 -18.17 16.54
C TYR A 5 1.96 -19.53 17.18
N SER A 6 0.88 -20.27 17.44
CA SER A 6 0.96 -21.70 17.69
C SER A 6 -0.20 -22.37 16.97
N TRP A 7 0.01 -23.57 16.42
CA TRP A 7 -0.93 -24.15 15.48
C TRP A 7 -1.47 -25.49 15.97
N THR A 8 -2.74 -25.73 15.69
CA THR A 8 -3.40 -26.97 16.06
C THR A 8 -3.19 -28.06 15.02
N GLY A 9 -3.08 -27.70 13.75
CA GLY A 9 -2.95 -28.65 12.66
C GLY A 9 -4.10 -28.62 11.67
N ALA A 10 -5.23 -27.98 12.00
CA ALA A 10 -6.28 -27.78 11.02
C ALA A 10 -5.78 -26.91 9.87
N LEU A 11 -6.13 -27.27 8.65
CA LEU A 11 -5.62 -26.51 7.51
C LEU A 11 -6.20 -25.09 7.51
N ILE A 12 -5.47 -24.18 6.89
CA ILE A 12 -5.98 -22.85 6.56
C ILE A 12 -6.77 -22.99 5.27
N THR A 13 -8.08 -23.16 5.41
CA THR A 13 -8.95 -23.51 4.29
C THR A 13 -9.38 -22.27 3.53
N PRO A 14 -9.82 -22.42 2.28
CA PRO A 14 -10.15 -21.25 1.45
C PRO A 14 -11.47 -20.58 1.84
N CYS A 15 -11.59 -19.31 1.42
CA CYS A 15 -12.72 -18.44 1.71
C CYS A 15 -13.51 -18.18 0.44
N GLY A 16 -14.35 -19.14 0.06
CA GLY A 16 -15.11 -19.04 -1.18
C GLY A 16 -14.42 -19.74 -2.34
N PRO A 17 -14.45 -19.12 -3.53
CA PRO A 17 -13.80 -19.72 -4.70
C PRO A 17 -12.48 -19.07 -5.04
N GLU A 18 -11.51 -19.86 -5.51
CA GLU A 18 -10.20 -19.37 -5.92
C GLU A 18 -10.08 -19.52 -7.43
N GLU A 19 -10.09 -18.38 -8.14
CA GLU A 19 -10.33 -18.39 -9.58
C GLU A 19 -9.26 -19.16 -10.35
N GLU A 20 -9.70 -19.87 -11.39
CA GLU A 20 -8.80 -20.56 -12.30
C GLU A 20 -8.46 -19.63 -13.45
N LYS A 21 -7.21 -19.63 -13.88
CA LYS A 21 -6.89 -19.00 -15.15
C LYS A 21 -7.71 -19.66 -16.26
N LEU A 22 -8.02 -18.88 -17.30
CA LEU A 22 -8.79 -19.42 -18.40
C LEU A 22 -7.89 -19.77 -19.58
N PRO A 23 -8.36 -20.63 -20.49
CA PRO A 23 -7.49 -20.99 -21.64
C PRO A 23 -7.24 -19.83 -22.59
N ILE A 24 -8.09 -18.81 -22.58
CA ILE A 24 -7.93 -17.61 -23.38
C ILE A 24 -8.09 -16.42 -22.46
N ASN A 25 -7.16 -15.47 -22.55
CA ASN A 25 -7.22 -14.20 -21.81
C ASN A 25 -7.50 -13.08 -22.80
N PRO A 26 -8.77 -12.89 -23.20
CA PRO A 26 -9.07 -12.01 -24.35
C PRO A 26 -8.67 -10.55 -24.19
N LEU A 27 -8.69 -10.01 -22.97
CA LEU A 27 -8.35 -8.62 -22.75
C LEU A 27 -6.85 -8.36 -22.66
N SER A 28 -6.04 -9.37 -22.32
CA SER A 28 -4.63 -9.10 -22.09
C SER A 28 -3.70 -9.97 -22.93
N ASN A 29 -4.22 -10.80 -23.85
CA ASN A 29 -3.32 -11.64 -24.63
C ASN A 29 -2.70 -10.90 -25.82
N SER A 30 -3.07 -9.66 -26.04
CA SER A 30 -2.33 -8.77 -26.91
C SER A 30 -1.41 -7.84 -26.12
N LEU A 31 -1.50 -7.86 -24.79
CA LEU A 31 -0.55 -7.12 -23.96
C LEU A 31 0.73 -7.90 -23.77
N LEU A 32 0.65 -9.17 -23.37
CA LEU A 32 1.84 -9.98 -23.15
C LEU A 32 1.51 -11.44 -23.45
N ARG A 33 2.57 -12.24 -23.59
CA ARG A 33 2.43 -13.62 -24.02
C ARG A 33 2.63 -14.67 -22.92
N TYR A 34 3.40 -14.38 -21.88
CA TYR A 34 3.79 -15.43 -20.94
C TYR A 34 2.80 -15.50 -19.78
N HIS A 35 1.58 -15.90 -20.12
CA HIS A 35 0.51 -16.00 -19.13
C HIS A 35 0.76 -17.12 -18.15
N ASN A 36 1.63 -18.07 -18.50
CA ASN A 36 2.02 -19.16 -17.61
C ASN A 36 2.81 -18.65 -16.41
N LYS A 37 3.46 -17.49 -16.57
CA LYS A 37 4.26 -16.84 -15.54
C LYS A 37 3.44 -16.02 -14.56
N VAL A 38 2.14 -15.83 -14.81
CA VAL A 38 1.29 -14.98 -13.98
C VAL A 38 0.42 -15.89 -13.15
N TYR A 39 0.52 -15.77 -11.82
CA TYR A 39 -0.15 -16.69 -10.91
C TYR A 39 -0.76 -15.92 -9.76
N CYS A 40 -1.70 -16.57 -9.08
CA CYS A 40 -2.38 -16.05 -7.91
C CYS A 40 -2.00 -16.87 -6.68
N THR A 41 -1.65 -16.20 -5.59
CA THR A 41 -1.38 -16.92 -4.35
C THR A 41 -2.68 -17.51 -3.80
N THR A 42 -2.58 -18.71 -3.24
CA THR A 42 -3.73 -19.52 -2.88
C THR A 42 -3.55 -20.06 -1.46
N SER A 43 -4.65 -20.56 -0.90
CA SER A 43 -4.62 -21.17 0.43
C SER A 43 -3.84 -22.49 0.47
N LYS A 44 -3.56 -23.11 -0.69
CA LYS A 44 -2.66 -24.25 -0.71
C LYS A 44 -1.31 -23.89 -0.07
N SER A 45 -0.83 -22.67 -0.30
CA SER A 45 0.47 -22.27 0.19
C SER A 45 0.42 -21.63 1.56
N ALA A 46 -0.75 -21.55 2.19
CA ALA A 46 -0.83 -20.86 3.47
C ALA A 46 0.00 -21.56 4.53
N SER A 47 0.17 -22.87 4.41
CA SER A 47 0.93 -23.60 5.42
C SER A 47 2.41 -23.31 5.32
N GLN A 48 2.94 -23.12 4.10
CA GLN A 48 4.34 -22.73 3.97
C GLN A 48 4.57 -21.35 4.55
N ARG A 49 3.64 -20.42 4.32
CA ARG A 49 3.73 -19.10 4.92
C ARG A 49 3.67 -19.19 6.42
N ALA A 50 2.75 -20.02 6.93
CA ALA A 50 2.57 -20.19 8.37
C ALA A 50 3.85 -20.68 9.02
N LYS A 51 4.58 -21.58 8.37
CA LYS A 51 5.89 -21.99 8.87
C LYS A 51 6.87 -20.82 8.91
N LYS A 52 6.91 -20.01 7.83
CA LYS A 52 7.91 -18.94 7.76
C LYS A 52 7.67 -17.83 8.79
N VAL A 53 6.43 -17.62 9.23
CA VAL A 53 6.12 -16.48 10.10
C VAL A 53 6.00 -16.87 11.56
N THR A 54 6.21 -18.14 11.89
CA THR A 54 6.09 -18.66 13.25
C THR A 54 7.48 -18.71 13.87
N PHE A 55 7.73 -17.86 14.86
CA PHE A 55 9.04 -17.83 15.49
C PHE A 55 8.97 -17.17 16.87
N ASP A 56 9.85 -17.63 17.76
CA ASP A 56 9.99 -17.06 19.11
C ASP A 56 10.65 -15.70 19.01
N ARG A 57 10.04 -14.70 19.65
CA ARG A 57 10.47 -13.33 19.58
C ARG A 57 11.02 -12.91 20.92
N THR A 58 12.18 -12.27 20.90
CA THR A 58 12.78 -11.72 22.09
C THR A 58 13.10 -10.27 21.79
N GLN A 59 12.50 -9.38 22.55
CA GLN A 59 12.56 -7.94 22.31
C GLN A 59 13.30 -7.29 23.48
N VAL A 60 14.34 -6.51 23.17
CA VAL A 60 15.17 -5.86 24.16
C VAL A 60 15.14 -4.37 23.88
N LEU A 61 14.43 -3.60 24.70
CA LEU A 61 14.35 -2.15 24.50
C LEU A 61 15.53 -1.47 25.18
N ASP A 62 15.67 -0.15 25.01
CA ASP A 62 16.80 0.58 25.59
C ASP A 62 16.44 2.05 25.75
N ALA A 63 17.43 2.84 26.18
CA ALA A 63 17.16 4.24 26.51
C ALA A 63 16.73 5.04 25.28
N HIS A 64 17.20 4.66 24.09
CA HIS A 64 16.80 5.38 22.89
C HIS A 64 15.33 5.17 22.57
N TYR A 65 14.91 3.91 22.52
CA TYR A 65 13.50 3.59 22.39
C TYR A 65 12.67 4.34 23.43
N ASP A 66 13.05 4.24 24.70
CA ASP A 66 12.30 4.89 25.77
C ASP A 66 12.18 6.39 25.55
N SER A 67 13.24 7.02 25.06
CA SER A 67 13.18 8.46 24.83
C SER A 67 12.26 8.81 23.67
N VAL A 68 12.31 8.01 22.60
CA VAL A 68 11.43 8.22 21.45
C VAL A 68 9.98 8.09 21.87
N LEU A 69 9.68 7.01 22.62
CA LEU A 69 8.31 6.75 23.07
C LEU A 69 7.74 7.91 23.85
N LYS A 70 8.53 8.50 24.76
CA LYS A 70 8.03 9.63 25.53
C LYS A 70 7.71 10.81 24.62
N ASP A 71 8.58 11.10 23.65
CA ASP A 71 8.34 12.21 22.74
C ASP A 71 7.11 12.00 21.89
N ILE A 72 6.75 10.73 21.62
CA ILE A 72 5.62 10.45 20.76
C ILE A 72 4.30 10.49 21.55
N LYS A 73 4.30 9.97 22.78
CA LYS A 73 3.12 10.15 23.63
C LYS A 73 2.84 11.62 23.92
N LEU A 74 3.88 12.44 23.98
CA LEU A 74 3.64 13.87 24.16
C LEU A 74 2.98 14.48 22.94
N ALA A 75 3.44 14.09 21.74
CA ALA A 75 2.84 14.60 20.52
C ALA A 75 1.40 14.12 20.36
N ALA A 76 1.15 12.86 20.75
CA ALA A 76 -0.21 12.32 20.77
C ALA A 76 -1.11 13.12 21.68
N SER A 77 -0.59 13.61 22.79
CA SER A 77 -1.43 14.27 23.77
C SER A 77 -2.07 15.55 23.24
N LYS A 78 -1.61 16.08 22.09
CA LYS A 78 -2.23 17.24 21.47
C LYS A 78 -3.45 16.88 20.63
N VAL A 79 -3.74 15.59 20.46
CA VAL A 79 -4.84 15.12 19.62
C VAL A 79 -6.09 14.96 20.46
N SER A 80 -7.19 15.56 20.01
CA SER A 80 -8.51 15.25 20.53
C SER A 80 -9.25 14.42 19.50
N ALA A 81 -9.89 13.34 19.94
CA ALA A 81 -10.58 12.41 19.04
C ALA A 81 -11.91 12.00 19.63
N ARG A 82 -12.94 11.98 18.79
CA ARG A 82 -14.29 11.66 19.22
C ARG A 82 -14.67 10.23 18.84
N LEU A 83 -15.57 9.64 19.62
CA LEU A 83 -16.27 8.45 19.19
C LEU A 83 -16.97 8.70 17.85
N LEU A 84 -17.06 7.67 17.04
CA LEU A 84 -17.95 7.70 15.89
C LEU A 84 -19.31 7.20 16.36
N THR A 85 -20.37 7.74 15.79
CA THR A 85 -21.66 7.13 16.05
C THR A 85 -21.67 5.75 15.42
N LEU A 86 -22.45 4.85 16.01
CA LEU A 86 -22.59 3.53 15.43
C LEU A 86 -23.02 3.61 13.97
N GLN A 87 -23.85 4.61 13.64
CA GLN A 87 -24.32 4.76 12.25
C GLN A 87 -23.20 5.23 11.33
N GLN A 88 -22.35 6.13 11.81
CA GLN A 88 -21.20 6.57 11.02
C GLN A 88 -20.24 5.41 10.76
N ALA A 89 -20.03 4.56 11.77
CA ALA A 89 -19.14 3.42 11.57
C ALA A 89 -19.71 2.45 10.56
N CYS A 90 -21.01 2.14 10.68
CA CYS A 90 -21.66 1.25 9.71
C CYS A 90 -21.45 1.72 8.28
N GLN A 91 -21.62 3.03 8.05
CA GLN A 91 -21.59 3.57 6.70
C GLN A 91 -20.19 3.58 6.09
N LEU A 92 -19.14 3.33 6.87
CA LEU A 92 -17.78 3.19 6.38
C LEU A 92 -17.44 1.74 6.03
N THR A 93 -18.37 0.82 6.17
CA THR A 93 -18.13 -0.55 5.74
C THR A 93 -18.13 -0.62 4.21
N PRO A 94 -17.11 -1.19 3.59
CA PRO A 94 -17.11 -1.27 2.13
C PRO A 94 -18.24 -2.15 1.65
N PRO A 95 -18.74 -1.93 0.43
CA PRO A 95 -19.97 -2.60 0.00
C PRO A 95 -19.88 -4.12 -0.10
N HIS A 96 -18.69 -4.71 -0.14
CA HIS A 96 -18.58 -6.15 -0.28
C HIS A 96 -17.83 -6.79 0.89
N SER A 97 -17.80 -6.08 2.03
CA SER A 97 -17.12 -6.56 3.21
C SER A 97 -17.68 -7.92 3.63
N ALA A 98 -16.79 -8.80 4.13
CA ALA A 98 -17.17 -10.14 4.55
C ALA A 98 -18.39 -10.12 5.47
N ARG A 99 -19.42 -10.89 5.10
CA ARG A 99 -20.67 -10.92 5.85
C ARG A 99 -20.42 -11.46 7.26
N SER A 100 -21.42 -11.27 8.13
CA SER A 100 -21.35 -11.66 9.54
C SER A 100 -21.90 -13.07 9.78
N LYS A 101 -21.35 -13.74 10.79
CA LYS A 101 -21.89 -15.02 11.26
C LYS A 101 -23.35 -14.92 11.68
N TYR A 102 -23.85 -13.72 11.97
CA TYR A 102 -25.19 -13.51 12.51
C TYR A 102 -26.17 -13.03 11.46
N GLY A 103 -26.13 -13.66 10.28
CA GLY A 103 -27.15 -13.47 9.27
C GLY A 103 -27.37 -12.04 8.80
N PHE A 104 -26.31 -11.38 8.38
CA PHE A 104 -26.39 -10.10 7.68
C PHE A 104 -25.00 -9.74 7.19
N GLY A 105 -24.95 -8.87 6.18
CA GLY A 105 -23.67 -8.46 5.63
C GLY A 105 -23.55 -6.97 5.38
N ALA A 106 -22.48 -6.61 4.64
CA ALA A 106 -22.16 -5.20 4.41
C ALA A 106 -23.36 -4.42 3.88
N LYS A 107 -24.16 -5.03 3.01
CA LYS A 107 -25.35 -4.37 2.46
C LYS A 107 -26.29 -3.86 3.56
N GLU A 108 -26.70 -4.77 4.47
CA GLU A 108 -27.60 -4.37 5.54
C GLU A 108 -26.93 -3.40 6.52
N VAL A 109 -25.61 -3.55 6.73
CA VAL A 109 -24.90 -2.65 7.62
C VAL A 109 -24.90 -1.23 7.08
N ARG A 110 -24.57 -1.07 5.79
CA ARG A 110 -24.52 0.26 5.18
C ARG A 110 -25.90 0.87 5.03
N SER A 111 -26.95 0.05 4.95
CA SER A 111 -28.31 0.58 4.89
C SER A 111 -28.87 0.90 6.26
N LEU A 112 -28.17 0.57 7.34
CA LEU A 112 -28.65 0.77 8.71
C LEU A 112 -29.93 -0.02 8.98
N SER A 113 -30.02 -1.23 8.44
CA SER A 113 -31.08 -2.16 8.81
C SER A 113 -31.08 -2.39 10.32
N GLY A 114 -32.27 -2.68 10.85
CA GLY A 114 -32.40 -2.82 12.29
C GLY A 114 -31.75 -4.07 12.84
N ARG A 115 -31.84 -5.19 12.10
CA ARG A 115 -31.24 -6.43 12.55
C ARG A 115 -29.77 -6.24 12.85
N ALA A 116 -29.07 -5.48 11.99
CA ALA A 116 -27.64 -5.27 12.13
C ALA A 116 -27.34 -4.25 13.21
N VAL A 117 -28.02 -3.09 13.16
CA VAL A 117 -27.79 -2.06 14.16
C VAL A 117 -28.01 -2.62 15.56
N ASN A 118 -28.99 -3.51 15.70
CA ASN A 118 -29.24 -4.11 16.99
C ASN A 118 -28.07 -4.98 17.42
N HIS A 119 -27.67 -5.91 16.55
CA HIS A 119 -26.55 -6.80 16.86
C HIS A 119 -25.32 -6.01 17.24
N ILE A 120 -24.94 -5.03 16.42
CA ILE A 120 -23.75 -4.24 16.67
C ILE A 120 -23.90 -3.46 17.97
N LYS A 121 -25.13 -3.05 18.31
CA LYS A 121 -25.36 -2.43 19.62
C LYS A 121 -24.95 -3.39 20.73
N SER A 122 -25.30 -4.67 20.61
CA SER A 122 -25.00 -5.59 21.69
C SER A 122 -23.52 -5.97 21.70
N VAL A 123 -22.89 -6.06 20.53
CA VAL A 123 -21.44 -6.27 20.46
C VAL A 123 -20.72 -5.12 21.15
N TRP A 124 -21.16 -3.88 20.91
CA TRP A 124 -20.52 -2.74 21.56
C TRP A 124 -20.70 -2.78 23.07
N LYS A 125 -21.93 -3.07 23.54
CA LYS A 125 -22.16 -3.14 24.97
C LYS A 125 -21.23 -4.17 25.61
N ASP A 126 -21.12 -5.35 24.99
CA ASP A 126 -20.23 -6.38 25.50
C ASP A 126 -18.77 -5.91 25.50
N LEU A 127 -18.41 -4.99 24.61
CA LEU A 127 -17.05 -4.45 24.64
C LEU A 127 -16.80 -3.63 25.89
N LEU A 128 -17.81 -2.86 26.32
CA LEU A 128 -17.62 -2.00 27.48
C LEU A 128 -17.83 -2.73 28.80
N GLU A 129 -18.43 -3.92 28.78
CA GLU A 129 -18.71 -4.62 30.04
C GLU A 129 -17.74 -5.75 30.31
N ASP A 130 -17.11 -6.29 29.29
CA ASP A 130 -16.19 -7.42 29.42
C ASP A 130 -14.85 -6.99 28.84
N PRO A 131 -13.81 -6.80 29.66
CA PRO A 131 -12.52 -6.32 29.15
C PRO A 131 -11.52 -7.40 28.83
N GLN A 132 -11.91 -8.68 28.79
CA GLN A 132 -10.89 -9.73 28.83
C GLN A 132 -11.16 -10.93 27.93
N THR A 133 -12.40 -11.32 27.66
CA THR A 133 -12.61 -12.56 26.91
C THR A 133 -12.09 -12.40 25.48
N PRO A 134 -11.22 -13.29 25.01
CA PRO A 134 -10.69 -13.15 23.66
C PRO A 134 -11.80 -13.25 22.62
N ILE A 135 -11.69 -12.40 21.60
CA ILE A 135 -12.61 -12.31 20.47
C ILE A 135 -12.14 -13.27 19.39
N PRO A 136 -12.98 -14.17 18.89
CA PRO A 136 -12.53 -15.09 17.82
C PRO A 136 -12.26 -14.34 16.53
N THR A 137 -11.29 -14.86 15.78
CA THR A 137 -10.92 -14.29 14.49
C THR A 137 -10.93 -15.40 13.45
N THR A 138 -11.00 -14.99 12.20
CA THR A 138 -10.91 -15.90 11.07
C THR A 138 -9.57 -15.69 10.40
N ILE A 139 -8.94 -16.78 9.97
CA ILE A 139 -7.67 -16.72 9.27
C ILE A 139 -7.87 -17.26 7.86
N MET A 140 -7.41 -16.48 6.88
CA MET A 140 -7.55 -16.84 5.48
C MET A 140 -6.26 -16.45 4.78
N ALA A 141 -5.99 -17.14 3.67
CA ALA A 141 -4.88 -16.78 2.81
C ALA A 141 -5.29 -15.62 1.92
N LYS A 142 -4.42 -14.63 1.75
CA LYS A 142 -4.71 -13.57 0.80
C LYS A 142 -4.49 -14.08 -0.61
N ASN A 143 -5.37 -13.67 -1.53
CA ASN A 143 -5.21 -13.96 -2.96
C ASN A 143 -4.70 -12.70 -3.63
N GLU A 144 -3.52 -12.79 -4.24
CA GLU A 144 -2.92 -11.66 -4.93
C GLU A 144 -2.02 -12.22 -6.02
N VAL A 145 -1.89 -11.45 -7.10
CA VAL A 145 -1.26 -11.90 -8.32
C VAL A 145 0.17 -11.43 -8.36
N PHE A 146 1.08 -12.32 -8.76
CA PHE A 146 2.48 -11.99 -8.98
C PHE A 146 2.98 -12.60 -10.27
N CYS A 147 4.15 -12.15 -10.70
CA CYS A 147 4.93 -12.85 -11.70
C CYS A 147 5.86 -13.85 -11.02
N VAL A 148 6.02 -15.05 -11.62
CA VAL A 148 6.96 -16.02 -11.07
C VAL A 148 8.35 -15.42 -11.12
N ASP A 149 9.12 -15.68 -10.08
CA ASP A 149 10.52 -15.26 -9.99
C ASP A 149 11.33 -16.49 -9.62
N PRO A 150 12.07 -17.10 -10.57
CA PRO A 150 12.91 -18.26 -10.22
C PRO A 150 14.08 -17.92 -9.32
N ALA A 151 14.57 -16.68 -9.33
CA ALA A 151 15.56 -16.25 -8.33
C ALA A 151 15.03 -16.42 -6.91
N LYS A 152 13.76 -16.06 -6.68
CA LYS A 152 13.14 -16.09 -5.34
C LYS A 152 12.28 -17.32 -5.12
N GLY A 153 12.67 -18.49 -5.62
CA GLY A 153 12.03 -19.74 -5.28
C GLY A 153 10.76 -20.09 -6.03
N GLY A 154 10.40 -19.32 -7.06
CA GLY A 154 9.22 -19.64 -7.84
C GLY A 154 8.01 -18.79 -7.50
N LYS A 155 7.08 -19.34 -6.72
CA LYS A 155 5.85 -18.64 -6.35
C LYS A 155 5.86 -18.35 -4.85
N LYS A 156 5.70 -17.07 -4.50
CA LYS A 156 5.54 -16.66 -3.12
C LYS A 156 4.33 -17.37 -2.50
N PRO A 157 4.44 -17.88 -1.27
CA PRO A 157 3.26 -18.37 -0.57
C PRO A 157 2.36 -17.22 -0.11
N ALA A 158 1.07 -17.52 -0.05
CA ALA A 158 0.05 -16.54 0.33
C ALA A 158 0.33 -15.90 1.68
N ARG A 159 0.15 -14.58 1.73
CA ARG A 159 0.13 -13.86 2.99
C ARG A 159 -1.07 -14.29 3.84
N LEU A 160 -0.93 -14.19 5.17
CA LEU A 160 -1.99 -14.56 6.10
C LEU A 160 -2.78 -13.34 6.51
N ILE A 161 -4.11 -13.46 6.52
CA ILE A 161 -5.01 -12.39 6.92
C ILE A 161 -5.86 -12.86 8.08
N VAL A 162 -5.96 -12.04 9.13
CA VAL A 162 -6.70 -12.38 10.34
C VAL A 162 -7.66 -11.22 10.67
N TYR A 163 -8.96 -11.53 10.76
CA TYR A 163 -9.97 -10.52 11.01
C TYR A 163 -11.08 -11.06 11.90
N PRO A 164 -11.74 -10.17 12.69
CA PRO A 164 -12.87 -10.61 13.51
C PRO A 164 -14.19 -10.47 12.75
N ASP A 165 -15.30 -10.84 13.39
CA ASP A 165 -16.58 -10.79 12.71
C ASP A 165 -16.95 -9.36 12.36
N LEU A 166 -17.82 -9.23 11.34
CA LEU A 166 -18.22 -7.92 10.82
C LEU A 166 -18.79 -6.99 11.91
N GLY A 167 -19.48 -7.54 12.90
CA GLY A 167 -19.98 -6.70 13.99
C GLY A 167 -18.86 -5.98 14.74
N VAL A 168 -17.77 -6.70 15.04
CA VAL A 168 -16.62 -6.13 15.75
C VAL A 168 -15.88 -5.11 14.90
N ARG A 169 -15.83 -5.32 13.57
CA ARG A 169 -15.13 -4.38 12.69
C ARG A 169 -15.81 -3.02 12.67
N VAL A 170 -17.15 -3.00 12.73
CA VAL A 170 -17.86 -1.73 12.85
C VAL A 170 -17.54 -1.08 14.19
N CYS A 171 -17.49 -1.89 15.26
CA CYS A 171 -17.17 -1.36 16.58
C CYS A 171 -15.75 -0.78 16.66
N GLU A 172 -14.79 -1.41 15.97
CA GLU A 172 -13.46 -0.83 15.90
C GLU A 172 -13.51 0.60 15.37
N LYS A 173 -14.35 0.85 14.35
CA LYS A 173 -14.39 2.18 13.74
C LYS A 173 -15.01 3.21 14.67
N MET A 174 -16.02 2.80 15.45
CA MET A 174 -16.59 3.71 16.44
C MET A 174 -15.49 4.17 17.41
N ALA A 175 -14.69 3.22 17.88
CA ALA A 175 -13.72 3.49 18.93
C ALA A 175 -12.48 4.19 18.38
N LEU A 176 -12.02 3.79 17.19
CA LEU A 176 -10.68 4.14 16.76
C LEU A 176 -10.57 4.83 15.40
N TYR A 177 -11.66 4.95 14.64
CA TYR A 177 -11.53 5.50 13.29
C TYR A 177 -11.04 6.94 13.31
N ASP A 178 -11.54 7.75 14.24
CA ASP A 178 -11.12 9.14 14.24
C ASP A 178 -9.64 9.28 14.59
N ILE A 179 -9.12 8.39 15.44
CA ILE A 179 -7.70 8.38 15.77
C ILE A 179 -6.87 8.01 14.54
N THR A 180 -7.33 7.02 13.76
CA THR A 180 -6.61 6.70 12.51
C THR A 180 -6.53 7.88 11.55
N GLN A 181 -7.40 8.87 11.67
CA GLN A 181 -7.37 10.01 10.79
C GLN A 181 -6.53 11.16 11.35
N LYS A 182 -6.04 11.05 12.57
CA LYS A 182 -5.39 12.17 13.25
C LYS A 182 -4.04 11.81 13.87
N LEU A 183 -3.94 10.64 14.50
CA LEU A 183 -2.73 10.27 15.22
C LEU A 183 -1.48 10.25 14.32
N PRO A 184 -1.40 9.44 13.26
CA PRO A 184 -0.13 9.34 12.53
C PRO A 184 0.44 10.68 12.07
N GLN A 185 -0.43 11.59 11.63
CA GLN A 185 0.05 12.91 11.21
C GLN A 185 0.57 13.70 12.41
N ALA A 186 -0.13 13.65 13.54
CA ALA A 186 0.30 14.45 14.68
C ALA A 186 1.58 13.92 15.30
N VAL A 187 1.84 12.62 15.15
CA VAL A 187 2.98 12.00 15.79
C VAL A 187 4.24 12.14 14.93
N MET A 188 4.11 12.00 13.60
CA MET A 188 5.27 12.05 12.70
C MET A 188 5.30 13.25 11.78
N GLY A 189 4.22 14.02 11.70
CA GLY A 189 4.22 15.19 10.84
C GLY A 189 4.52 14.84 9.40
N ALA A 190 5.52 15.53 8.84
CA ALA A 190 5.90 15.33 7.45
C ALA A 190 6.49 13.96 7.19
N SER A 191 6.83 13.19 8.22
CA SER A 191 7.40 11.87 7.97
C SER A 191 6.34 10.86 7.58
N TYR A 192 5.08 11.13 7.89
CA TYR A 192 3.99 10.22 7.55
C TYR A 192 3.86 10.09 6.04
N GLY A 193 4.08 8.88 5.53
CA GLY A 193 4.14 8.68 4.08
C GLY A 193 2.80 8.68 3.37
N PHE A 194 1.75 8.15 4.03
CA PHE A 194 0.42 8.02 3.42
C PHE A 194 -0.34 9.34 3.34
N GLN A 195 0.35 10.45 3.08
CA GLN A 195 -0.29 11.73 2.90
C GLN A 195 0.18 12.41 1.61
N TYR A 196 1.11 11.81 0.88
CA TYR A 196 1.72 12.41 -0.28
C TYR A 196 1.25 11.73 -1.55
N SER A 197 0.81 12.53 -2.53
CA SER A 197 0.68 12.04 -3.89
C SER A 197 2.08 11.68 -4.43
N PRO A 198 2.14 10.88 -5.50
CA PRO A 198 3.46 10.54 -6.08
C PRO A 198 4.37 11.73 -6.30
N ALA A 199 3.84 12.82 -6.87
CA ALA A 199 4.67 14.00 -7.13
C ALA A 199 5.07 14.68 -5.82
N GLN A 200 4.16 14.71 -4.84
CA GLN A 200 4.49 15.32 -3.55
C GLN A 200 5.56 14.53 -2.82
N ARG A 201 5.51 13.19 -2.91
CA ARG A 201 6.51 12.34 -2.29
C ARG A 201 7.89 12.56 -2.91
N VAL A 202 7.95 12.78 -4.22
CA VAL A 202 9.21 13.11 -4.89
C VAL A 202 9.70 14.48 -4.45
N GLU A 203 8.79 15.46 -4.38
CA GLU A 203 9.18 16.78 -3.92
C GLU A 203 9.82 16.70 -2.55
N TYR A 204 9.21 15.89 -1.67
CA TYR A 204 9.68 15.80 -0.29
C TYR A 204 11.08 15.20 -0.23
N LEU A 205 11.28 14.04 -0.89
CA LEU A 205 12.58 13.39 -0.90
C LEU A 205 13.67 14.26 -1.51
N LEU A 206 13.33 14.99 -2.58
CA LEU A 206 14.29 15.89 -3.20
C LEU A 206 14.67 17.02 -2.26
N LYS A 207 13.67 17.59 -1.58
CA LYS A 207 13.93 18.64 -0.60
C LYS A 207 14.90 18.15 0.47
N ALA A 208 14.63 16.97 1.04
CA ALA A 208 15.49 16.37 2.04
C ALA A 208 16.91 16.18 1.52
N TRP A 209 17.05 15.62 0.33
CA TRP A 209 18.36 15.39 -0.25
C TRP A 209 19.16 16.69 -0.34
N ALA A 210 18.51 17.76 -0.81
CA ALA A 210 19.24 18.97 -1.16
C ALA A 210 19.71 19.76 0.06
N GLU A 211 19.08 19.56 1.22
CA GLU A 211 19.45 20.33 2.39
C GLU A 211 20.51 19.64 3.26
N LYS A 212 20.76 18.35 3.07
CA LYS A 212 21.98 17.79 3.61
C LYS A 212 23.17 18.39 2.86
N LYS A 213 24.22 18.76 3.60
CA LYS A 213 25.43 19.20 2.92
C LYS A 213 26.01 18.06 2.09
N ASP A 214 26.06 16.87 2.66
CA ASP A 214 26.62 15.69 2.01
C ASP A 214 25.65 14.52 2.23
N PRO A 215 24.59 14.43 1.41
CA PRO A 215 23.48 13.52 1.74
C PRO A 215 23.84 12.06 1.59
N MET A 216 23.21 11.24 2.42
CA MET A 216 23.27 9.80 2.31
C MET A 216 21.88 9.26 2.60
N GLY A 217 21.43 8.28 1.82
CA GLY A 217 20.14 7.67 2.05
C GLY A 217 20.22 6.16 2.18
N PHE A 218 19.22 5.61 2.84
CA PHE A 218 18.99 4.16 2.83
C PHE A 218 17.49 3.90 3.02
N SER A 219 17.06 2.69 2.67
CA SER A 219 15.71 2.24 2.94
C SER A 219 15.75 1.01 3.86
N TYR A 220 14.61 0.72 4.47
CA TYR A 220 14.51 -0.41 5.39
C TYR A 220 13.12 -1.01 5.28
N ASP A 221 13.03 -2.32 5.46
CA ASP A 221 11.77 -3.05 5.42
C ASP A 221 11.91 -4.24 6.36
N THR A 222 10.88 -4.53 7.13
CA THR A 222 10.97 -5.59 8.13
C THR A 222 10.51 -6.91 7.52
N ARG A 223 11.21 -7.99 7.87
CA ARG A 223 10.82 -9.31 7.40
C ARG A 223 9.56 -9.76 8.13
N HIS A 224 8.46 -9.94 7.39
CA HIS A 224 7.23 -10.52 7.94
C HIS A 224 6.73 -9.67 9.11
N PHE A 225 6.54 -8.37 8.85
CA PHE A 225 6.44 -7.39 9.93
C PHE A 225 5.37 -7.74 10.97
N ASP A 226 4.18 -8.16 10.55
CA ASP A 226 3.11 -8.35 11.53
C ASP A 226 3.46 -9.46 12.52
N SER A 227 4.18 -10.49 12.08
CA SER A 227 4.53 -11.56 13.01
C SER A 227 5.62 -11.14 13.99
N THR A 228 6.34 -10.05 13.71
CA THR A 228 7.36 -9.57 14.63
C THR A 228 6.81 -8.60 15.67
N VAL A 229 5.61 -8.08 15.46
CA VAL A 229 5.00 -7.17 16.44
C VAL A 229 4.65 -7.96 17.70
N THR A 230 5.19 -7.54 18.84
CA THR A 230 5.01 -8.28 20.08
C THR A 230 3.79 -7.76 20.85
N GLU A 231 3.35 -8.57 21.83
CA GLU A 231 2.25 -8.14 22.68
C GLU A 231 2.59 -6.87 23.42
N ARG A 232 3.86 -6.67 23.75
CA ARG A 232 4.25 -5.42 24.39
C ARG A 232 4.14 -4.24 23.42
N ASP A 233 4.44 -4.47 22.14
CA ASP A 233 4.26 -3.41 21.15
C ASP A 233 2.81 -2.99 21.05
N ILE A 234 1.89 -3.95 21.07
CA ILE A 234 0.48 -3.66 20.89
C ILE A 234 -0.10 -2.96 22.11
N ARG A 235 0.40 -3.27 23.31
CA ARG A 235 -0.02 -2.53 24.49
C ARG A 235 0.65 -1.16 24.56
N THR A 236 1.86 -1.04 24.01
CA THR A 236 2.49 0.27 23.85
C THR A 236 1.72 1.15 22.88
N GLU A 237 0.95 0.57 21.94
CA GLU A 237 0.12 1.46 21.14
C GLU A 237 -1.23 1.75 21.80
N GLU A 238 -1.82 0.84 22.61
CA GLU A 238 -2.94 1.28 23.46
C GLU A 238 -2.54 2.54 24.21
N SER A 239 -1.31 2.58 24.75
CA SER A 239 -0.92 3.75 25.52
C SER A 239 -0.58 4.93 24.61
N ILE A 240 -0.33 4.71 23.33
CA ILE A 240 -0.15 5.88 22.49
C ILE A 240 -1.50 6.47 22.11
N TYR A 241 -2.50 5.60 21.82
CA TYR A 241 -3.88 6.09 21.59
C TYR A 241 -4.44 6.76 22.82
N GLN A 242 -4.27 6.11 23.98
CA GLN A 242 -4.78 6.65 25.24
C GLN A 242 -4.14 7.97 25.59
N ALA A 243 -2.96 8.27 25.05
CA ALA A 243 -2.35 9.57 25.29
C ALA A 243 -3.20 10.72 24.75
N CYS A 244 -4.12 10.46 23.83
CA CYS A 244 -4.97 11.51 23.26
C CYS A 244 -6.03 11.94 24.26
N SER A 245 -6.64 13.09 23.96
CA SER A 245 -7.85 13.52 24.65
C SER A 245 -9.03 12.71 24.10
N LEU A 246 -9.65 11.89 24.95
CA LEU A 246 -10.67 10.94 24.56
C LEU A 246 -11.82 10.93 25.54
N PRO A 247 -13.05 10.73 25.07
CA PRO A 247 -14.14 10.44 25.99
C PRO A 247 -13.93 9.10 26.68
N GLU A 248 -14.44 8.99 27.90
CA GLU A 248 -14.17 7.78 28.66
C GLU A 248 -14.74 6.54 27.99
N GLU A 249 -15.86 6.68 27.28
CA GLU A 249 -16.48 5.52 26.64
C GLU A 249 -15.56 4.92 25.60
N ALA A 250 -14.77 5.76 24.92
CA ALA A 250 -13.78 5.28 23.96
C ALA A 250 -12.63 4.58 24.66
N ARG A 251 -12.06 5.20 25.72
CA ARG A 251 -10.96 4.62 26.48
C ARG A 251 -11.25 3.18 26.91
N THR A 252 -12.43 2.98 27.50
CA THR A 252 -12.89 1.65 27.88
C THR A 252 -12.84 0.69 26.70
N ALA A 253 -13.38 1.13 25.56
CA ALA A 253 -13.51 0.26 24.39
C ALA A 253 -12.14 0.01 23.74
N ILE A 254 -11.31 1.04 23.65
CA ILE A 254 -9.95 0.86 23.15
C ILE A 254 -9.20 -0.13 24.03
N HIS A 255 -9.29 0.01 25.36
CA HIS A 255 -8.64 -0.96 26.25
C HIS A 255 -9.16 -2.37 25.99
N SER A 256 -10.46 -2.50 25.76
CA SER A 256 -11.05 -3.82 25.63
C SER A 256 -10.73 -4.44 24.28
N LEU A 257 -10.71 -3.62 23.23
CA LEU A 257 -10.27 -4.11 21.93
C LEU A 257 -8.81 -4.54 21.98
N THR A 258 -7.97 -3.77 22.69
CA THR A 258 -6.56 -4.15 22.83
C THR A 258 -6.42 -5.50 23.52
N GLU A 259 -7.04 -5.67 24.70
CA GLU A 259 -6.83 -6.90 25.46
C GLU A 259 -7.52 -8.09 24.81
N ARG A 260 -8.70 -7.88 24.21
CA ARG A 260 -9.48 -9.00 23.69
C ARG A 260 -9.21 -9.30 22.23
N LEU A 261 -8.66 -8.35 21.48
CA LEU A 261 -8.49 -8.58 20.05
C LEU A 261 -7.05 -8.34 19.61
N TYR A 262 -6.53 -7.13 19.86
CA TYR A 262 -5.27 -6.73 19.23
C TYR A 262 -4.06 -7.50 19.77
N VAL A 263 -4.01 -7.75 21.09
CA VAL A 263 -2.82 -8.44 21.62
C VAL A 263 -2.80 -9.90 21.21
N GLY A 264 -3.92 -10.47 20.83
CA GLY A 264 -3.91 -11.82 20.31
C GLY A 264 -5.22 -12.52 20.61
N GLY A 265 -5.29 -13.78 20.20
CA GLY A 265 -6.48 -14.58 20.42
C GLY A 265 -6.57 -15.78 19.52
N PRO A 266 -7.65 -16.54 19.65
CA PRO A 266 -7.82 -17.76 18.84
C PRO A 266 -8.17 -17.45 17.39
N MET A 267 -7.64 -18.28 16.50
CA MET A 267 -7.90 -18.19 15.07
C MET A 267 -8.69 -19.41 14.61
N PHE A 268 -9.72 -19.18 13.79
CA PHE A 268 -10.52 -20.25 13.19
C PHE A 268 -10.38 -20.22 11.69
N ASN A 269 -10.21 -21.39 11.09
CA ASN A 269 -10.25 -21.44 9.63
C ASN A 269 -11.68 -21.19 9.19
N SER A 270 -11.89 -21.11 7.86
CA SER A 270 -13.22 -20.76 7.37
C SER A 270 -14.25 -21.86 7.56
N LYS A 271 -13.84 -23.06 7.95
CA LYS A 271 -14.78 -24.13 8.27
C LYS A 271 -15.19 -24.13 9.74
N GLY A 272 -14.79 -23.11 10.51
CA GLY A 272 -15.09 -23.08 11.93
C GLY A 272 -14.16 -23.89 12.82
N GLN A 273 -13.20 -24.63 12.25
CA GLN A 273 -12.27 -25.38 13.07
C GLN A 273 -11.25 -24.46 13.73
N THR A 274 -10.91 -24.75 14.98
CA THR A 274 -9.82 -24.04 15.65
C THR A 274 -8.52 -24.29 14.90
N CYS A 275 -7.78 -23.22 14.65
CA CYS A 275 -6.63 -23.23 13.77
C CYS A 275 -5.32 -22.90 14.47
N GLY A 276 -5.37 -22.09 15.51
CA GLY A 276 -4.17 -21.75 16.24
C GLY A 276 -4.44 -20.56 17.13
N TYR A 277 -3.40 -20.16 17.85
CA TYR A 277 -3.47 -18.98 18.70
C TYR A 277 -2.45 -17.97 18.17
N ARG A 278 -2.80 -16.70 18.27
CA ARG A 278 -2.01 -15.61 17.73
C ARG A 278 -1.57 -14.70 18.87
N ARG A 279 -0.30 -14.34 18.88
CA ARG A 279 0.27 -13.43 19.87
CA ARG A 279 0.22 -13.40 19.88
C ARG A 279 1.02 -12.29 19.20
N CYS A 280 0.58 -11.88 18.01
CA CYS A 280 1.18 -10.79 17.25
C CYS A 280 0.08 -9.98 16.58
N ARG A 281 0.46 -9.04 15.72
CA ARG A 281 -0.51 -8.25 14.98
C ARG A 281 -1.35 -9.12 14.07
N ALA A 282 -2.67 -8.97 14.17
CA ALA A 282 -3.61 -9.49 13.19
C ALA A 282 -3.74 -8.48 12.06
N SER A 283 -3.38 -8.88 10.84
CA SER A 283 -3.46 -7.99 9.69
C SER A 283 -4.88 -8.11 9.14
N GLY A 284 -5.70 -7.10 9.42
CA GLY A 284 -7.12 -7.21 9.15
C GLY A 284 -7.96 -6.43 10.14
N VAL A 285 -7.36 -5.98 11.23
CA VAL A 285 -8.06 -5.12 12.17
C VAL A 285 -7.94 -3.66 11.70
N LEU A 286 -8.75 -2.77 12.27
CA LEU A 286 -8.76 -1.39 11.81
C LEU A 286 -7.41 -0.71 12.01
N THR A 287 -6.67 -1.14 13.04
CA THR A 287 -5.43 -0.47 13.43
C THR A 287 -4.20 -1.07 12.78
N THR A 288 -4.38 -1.95 11.79
CA THR A 288 -3.22 -2.53 11.10
C THR A 288 -2.31 -1.45 10.53
N SER A 289 -2.86 -0.56 9.70
CA SER A 289 -2.03 0.44 9.05
C SER A 289 -1.48 1.47 10.03
N MET A 290 -2.30 1.92 11.00
CA MET A 290 -1.85 2.93 11.94
C MET A 290 -0.87 2.36 12.96
N GLY A 291 -1.16 1.17 13.49
CA GLY A 291 -0.21 0.51 14.37
C GLY A 291 1.11 0.22 13.70
N ASN A 292 1.06 -0.37 12.49
CA ASN A 292 2.31 -0.66 11.77
C ASN A 292 3.12 0.60 11.59
N THR A 293 2.48 1.67 11.13
CA THR A 293 3.25 2.87 10.83
C THR A 293 3.82 3.51 12.11
N ILE A 294 3.05 3.55 13.19
CA ILE A 294 3.57 4.19 14.41
C ILE A 294 4.63 3.33 15.07
N THR A 295 4.40 2.01 15.16
CA THR A 295 5.39 1.15 15.79
C THR A 295 6.66 1.06 14.97
N CYS A 296 6.54 1.06 13.64
CA CYS A 296 7.72 1.17 12.79
C CYS A 296 8.46 2.48 13.05
N TYR A 297 7.73 3.59 13.13
CA TYR A 297 8.38 4.88 13.33
C TYR A 297 9.13 4.95 14.66
N VAL A 298 8.55 4.43 15.76
CA VAL A 298 9.25 4.51 17.04
C VAL A 298 10.53 3.70 16.98
N LYS A 299 10.45 2.46 16.50
CA LYS A 299 11.63 1.63 16.43
C LYS A 299 12.68 2.25 15.51
N ALA A 300 12.26 2.68 14.31
CA ALA A 300 13.20 3.22 13.34
C ALA A 300 13.88 4.47 13.85
N LEU A 301 13.10 5.35 14.46
CA LEU A 301 13.71 6.57 14.95
C LEU A 301 14.59 6.28 16.17
N ALA A 302 14.22 5.28 16.97
CA ALA A 302 15.08 4.86 18.07
C ALA A 302 16.40 4.32 17.54
N ALA A 303 16.33 3.41 16.57
CA ALA A 303 17.54 2.83 16.00
C ALA A 303 18.43 3.88 15.35
N CYS A 304 17.84 4.93 14.78
CA CYS A 304 18.67 6.01 14.27
C CYS A 304 19.47 6.64 15.38
N LYS A 305 18.83 6.86 16.53
CA LYS A 305 19.53 7.36 17.70
C LYS A 305 20.65 6.39 18.10
N ALA A 306 20.33 5.09 18.18
CA ALA A 306 21.30 4.06 18.55
C ALA A 306 22.49 3.98 17.61
N ALA A 307 22.35 4.44 16.37
CA ALA A 307 23.42 4.30 15.38
C ALA A 307 24.05 5.62 14.98
N GLY A 308 23.65 6.73 15.58
CA GLY A 308 24.29 7.98 15.26
C GLY A 308 24.01 8.54 13.88
N ILE A 309 22.88 8.18 13.26
CA ILE A 309 22.45 8.85 12.04
C ILE A 309 22.29 10.34 12.32
N VAL A 310 22.85 11.16 11.45
CA VAL A 310 22.95 12.60 11.68
C VAL A 310 21.92 13.34 10.85
N ALA A 311 21.13 14.19 11.50
CA ALA A 311 20.09 14.97 10.84
C ALA A 311 19.19 14.07 9.98
N PRO A 312 18.61 13.02 10.56
CA PRO A 312 17.75 12.15 9.75
C PRO A 312 16.47 12.86 9.31
N THR A 313 16.05 12.54 8.09
CA THR A 313 14.75 12.90 7.54
C THR A 313 14.08 11.59 7.12
N MET A 314 12.93 11.31 7.70
CA MET A 314 12.32 10.00 7.48
C MET A 314 11.08 10.13 6.60
N LEU A 315 10.73 9.01 6.00
CA LEU A 315 9.48 8.84 5.25
C LEU A 315 9.02 7.43 5.54
N VAL A 316 7.90 7.29 6.28
CA VAL A 316 7.45 6.01 6.81
C VAL A 316 6.12 5.64 6.19
N CYS A 317 6.05 4.45 5.61
CA CYS A 317 4.82 3.94 4.98
C CYS A 317 4.60 2.50 5.46
N GLY A 318 3.80 2.32 6.50
CA GLY A 318 3.71 0.98 7.07
C GLY A 318 5.08 0.59 7.60
N ASP A 319 5.59 -0.56 7.18
CA ASP A 319 6.91 -1.00 7.61
C ASP A 319 8.01 -0.62 6.62
N ASP A 320 7.71 0.22 5.64
CA ASP A 320 8.69 0.66 4.66
C ASP A 320 9.23 2.03 5.04
N LEU A 321 10.53 2.19 4.92
CA LEU A 321 11.25 3.23 5.61
C LEU A 321 12.26 3.85 4.68
N ILE A 322 12.32 5.18 4.63
CA ILE A 322 13.42 5.87 3.97
C ILE A 322 14.00 6.88 4.96
N VAL A 323 15.32 6.91 5.05
CA VAL A 323 16.03 7.86 5.89
C VAL A 323 17.08 8.53 5.02
N ILE A 324 17.01 9.86 4.92
CA ILE A 324 18.03 10.68 4.28
C ILE A 324 18.68 11.51 5.38
N SER A 325 20.02 11.55 5.38
CA SER A 325 20.76 12.09 6.51
C SER A 325 22.09 12.60 6.02
N GLU A 326 22.85 13.20 6.94
CA GLU A 326 24.20 13.66 6.68
C GLU A 326 25.16 12.48 6.70
N SER A 327 25.90 12.32 5.60
CA SER A 327 26.91 11.28 5.50
C SER A 327 28.08 11.60 6.42
N GLN A 328 28.55 10.57 7.11
CA GLN A 328 29.72 10.69 7.98
C GLN A 328 30.97 10.11 7.32
N GLY A 329 31.02 10.15 6.00
CA GLY A 329 32.00 9.38 5.22
C GLY A 329 31.54 7.95 5.06
N THR A 330 31.93 7.31 3.94
CA THR A 330 31.32 6.01 3.63
C THR A 330 31.69 4.95 4.66
N GLU A 331 32.88 5.02 5.25
CA GLU A 331 33.30 3.98 6.19
C GLU A 331 32.42 3.99 7.42
N GLU A 332 32.25 5.16 8.04
CA GLU A 332 31.34 5.28 9.17
C GLU A 332 29.88 5.00 8.79
N ASP A 333 29.45 5.42 7.59
CA ASP A 333 28.07 5.18 7.15
C ASP A 333 27.76 3.69 7.13
N GLU A 334 28.68 2.86 6.64
CA GLU A 334 28.41 1.42 6.64
C GLU A 334 28.33 0.87 8.07
N ARG A 335 29.18 1.37 8.96
CA ARG A 335 29.14 0.95 10.38
C ARG A 335 27.81 1.32 11.01
N ASN A 336 27.42 2.59 10.88
CA ASN A 336 26.15 3.05 11.42
C ASN A 336 24.99 2.18 10.95
N LEU A 337 24.94 1.87 9.65
CA LEU A 337 23.79 1.11 9.15
C LEU A 337 23.76 -0.31 9.70
N ARG A 338 24.93 -0.91 9.94
CA ARG A 338 24.97 -2.18 10.66
C ARG A 338 24.41 -2.01 12.06
N ALA A 339 24.74 -0.90 12.72
CA ALA A 339 24.22 -0.62 14.05
C ALA A 339 22.72 -0.46 14.03
N PHE A 340 22.20 0.23 13.00
CA PHE A 340 20.77 0.42 12.82
C PHE A 340 20.05 -0.92 12.69
N THR A 341 20.58 -1.83 11.88
CA THR A 341 19.97 -3.13 11.73
C THR A 341 20.01 -3.92 13.02
N GLU A 342 21.10 -3.78 13.77
CA GLU A 342 21.23 -4.52 15.02
C GLU A 342 20.23 -4.05 16.04
N ALA A 343 20.10 -2.72 16.21
CA ALA A 343 19.04 -2.15 17.04
C ALA A 343 17.66 -2.62 16.60
N MET A 344 17.33 -2.46 15.29
CA MET A 344 16.04 -2.90 14.80
C MET A 344 15.80 -4.36 15.12
N THR A 345 16.83 -5.19 14.97
CA THR A 345 16.65 -6.60 15.30
C THR A 345 16.43 -6.79 16.78
N ARG A 346 17.03 -5.94 17.63
CA ARG A 346 16.79 -6.01 19.06
C ARG A 346 15.38 -5.58 19.42
N TYR A 347 14.82 -4.61 18.69
CA TYR A 347 13.45 -4.15 18.90
C TYR A 347 12.41 -5.09 18.30
N SER A 348 12.82 -6.24 17.77
CA SER A 348 11.95 -7.16 17.04
C SER A 348 11.38 -6.52 15.77
N ALA A 349 12.28 -6.02 14.93
CA ALA A 349 11.95 -5.59 13.57
C ALA A 349 13.12 -5.95 12.67
N PRO A 350 13.41 -7.25 12.53
CA PRO A 350 14.60 -7.65 11.78
C PRO A 350 14.38 -7.44 10.29
N PRO A 351 15.45 -7.21 9.53
CA PRO A 351 15.29 -6.79 8.13
C PRO A 351 14.96 -7.95 7.20
N GLY A 352 14.28 -7.62 6.11
CA GLY A 352 14.15 -8.53 4.99
C GLY A 352 15.49 -8.65 4.30
N ASP A 353 15.90 -7.57 3.64
CA ASP A 353 17.22 -7.45 3.00
C ASP A 353 18.04 -6.43 3.77
N PRO A 354 19.32 -6.71 4.05
CA PRO A 354 20.12 -5.78 4.87
C PRO A 354 20.26 -4.43 4.19
N PRO A 355 20.08 -3.34 4.93
CA PRO A 355 20.20 -2.01 4.33
C PRO A 355 21.66 -1.68 4.02
N ARG A 356 21.82 -0.64 3.22
CA ARG A 356 23.10 -0.28 2.61
C ARG A 356 23.10 1.20 2.28
N PRO A 357 24.11 1.97 2.67
CA PRO A 357 24.12 3.40 2.32
C PRO A 357 24.23 3.60 0.82
N GLU A 358 23.44 4.56 0.29
CA GLU A 358 23.48 4.99 -1.10
C GLU A 358 23.64 6.50 -1.15
N TYR A 359 24.24 7.00 -2.24
CA TYR A 359 24.57 8.41 -2.39
C TYR A 359 24.00 8.98 -3.68
N ASP A 360 23.00 8.27 -4.22
CA ASP A 360 22.31 8.59 -5.45
C ASP A 360 20.85 8.25 -5.22
N LEU A 361 19.96 9.22 -5.46
CA LEU A 361 18.56 9.05 -5.06
C LEU A 361 17.85 7.95 -5.85
N GLU A 362 18.31 7.67 -7.08
CA GLU A 362 17.66 6.62 -7.86
C GLU A 362 17.91 5.23 -7.27
N LEU A 363 19.00 5.02 -6.54
CA LEU A 363 19.39 3.70 -6.04
C LEU A 363 18.68 3.29 -4.74
N ILE A 364 17.75 4.11 -4.25
CA ILE A 364 17.00 3.85 -3.02
C ILE A 364 15.58 3.46 -3.39
N THR A 365 15.19 2.23 -3.10
CA THR A 365 13.81 1.78 -3.38
C THR A 365 13.04 1.52 -2.09
N SER A 366 11.94 2.26 -1.89
CA SER A 366 11.05 2.02 -0.75
C SER A 366 9.59 2.27 -1.13
N CYS A 367 8.71 1.51 -0.49
CA CYS A 367 7.28 1.48 -0.82
C CYS A 367 7.05 0.98 -2.24
N SER A 368 7.91 0.04 -2.67
CA SER A 368 7.91 -0.54 -4.01
C SER A 368 8.18 0.48 -5.12
N SER A 369 8.82 1.61 -4.81
CA SER A 369 8.96 2.66 -5.81
C SER A 369 10.28 3.39 -5.62
N ASN A 370 10.69 4.16 -6.64
CA ASN A 370 11.89 4.95 -6.53
C ASN A 370 11.78 6.21 -7.38
N VAL A 371 12.63 7.16 -7.07
CA VAL A 371 12.73 8.40 -7.83
C VAL A 371 13.62 8.15 -9.04
N SER A 372 13.26 8.74 -10.17
CA SER A 372 14.08 8.67 -11.35
C SER A 372 14.07 10.04 -11.99
N VAL A 373 14.87 10.18 -13.05
CA VAL A 373 15.08 11.48 -13.66
C VAL A 373 14.99 11.32 -15.17
N ALA A 374 14.26 12.23 -15.80
CA ALA A 374 14.22 12.35 -17.24
C ALA A 374 14.35 13.82 -17.60
N LEU A 375 14.93 14.07 -18.79
CA LEU A 375 14.93 15.39 -19.38
C LEU A 375 13.62 15.60 -20.11
N GLY A 376 13.35 16.83 -20.51
CA GLY A 376 12.35 17.07 -21.53
C GLY A 376 12.95 17.29 -22.91
N PRO A 377 12.26 18.09 -23.74
CA PRO A 377 12.89 18.57 -24.97
C PRO A 377 13.87 19.70 -24.71
N ARG A 378 13.74 20.40 -23.58
CA ARG A 378 14.63 21.50 -23.22
C ARG A 378 16.01 21.01 -22.78
N GLY A 379 16.10 19.79 -22.25
CA GLY A 379 17.24 19.37 -21.48
C GLY A 379 17.09 19.64 -20.01
N ARG A 380 15.90 20.04 -19.55
CA ARG A 380 15.67 20.38 -18.16
C ARG A 380 15.29 19.13 -17.36
N ARG A 381 16.00 18.90 -16.26
CA ARG A 381 15.78 17.70 -15.46
C ARG A 381 14.41 17.74 -14.80
N ARG A 382 13.65 16.65 -14.95
CA ARG A 382 12.34 16.48 -14.35
C ARG A 382 12.39 15.18 -13.56
N TYR A 383 11.90 15.20 -12.32
CA TYR A 383 12.01 14.04 -11.44
C TYR A 383 10.63 13.44 -11.21
N TYR A 384 10.58 12.11 -11.07
CA TYR A 384 9.27 11.46 -10.98
C TYR A 384 9.42 10.14 -10.23
N LEU A 385 8.28 9.58 -9.83
CA LEU A 385 8.22 8.32 -9.14
C LEU A 385 7.94 7.20 -10.13
N THR A 386 8.58 6.06 -9.93
CA THR A 386 8.45 4.92 -10.83
C THR A 386 8.60 3.65 -10.01
N ARG A 387 8.54 2.51 -10.68
CA ARG A 387 8.75 1.24 -10.01
C ARG A 387 9.04 0.17 -11.05
N ASP A 388 9.58 -0.95 -10.58
CA ASP A 388 9.64 -2.14 -11.39
C ASP A 388 8.23 -2.44 -11.93
N PRO A 389 8.06 -2.52 -13.25
CA PRO A 389 6.71 -2.75 -13.81
C PRO A 389 6.27 -4.21 -13.84
N THR A 390 7.09 -5.15 -13.36
CA THR A 390 6.76 -6.57 -13.43
C THR A 390 5.43 -6.88 -12.75
N THR A 391 5.29 -6.52 -11.47
CA THR A 391 4.05 -6.88 -10.79
C THR A 391 2.88 -6.09 -11.40
N PRO A 392 3.04 -4.80 -11.74
CA PRO A 392 1.97 -4.13 -12.52
C PRO A 392 1.56 -4.87 -13.80
N LEU A 393 2.50 -5.37 -14.60
CA LEU A 393 2.13 -6.09 -15.82
C LEU A 393 1.45 -7.41 -15.51
N ALA A 394 1.89 -8.12 -14.48
CA ALA A 394 1.26 -9.39 -14.16
C ALA A 394 -0.21 -9.18 -13.79
N ARG A 395 -0.49 -8.15 -13.00
CA ARG A 395 -1.86 -7.87 -12.61
C ARG A 395 -2.66 -7.31 -13.75
N ALA A 396 -1.99 -6.66 -14.71
CA ALA A 396 -2.63 -6.26 -15.96
C ALA A 396 -3.16 -7.45 -16.75
N ALA A 397 -2.65 -8.65 -16.48
CA ALA A 397 -3.01 -9.85 -17.23
C ALA A 397 -3.80 -10.84 -16.40
N TRP A 398 -4.32 -10.42 -15.24
CA TRP A 398 -5.13 -11.30 -14.42
C TRP A 398 -6.58 -11.18 -14.88
N GLU A 399 -7.16 -12.30 -15.33
CA GLU A 399 -8.40 -12.31 -16.10
C GLU A 399 -9.17 -13.57 -15.75
N THR A 400 -10.26 -13.44 -15.02
CA THR A 400 -11.04 -14.62 -14.69
C THR A 400 -12.51 -14.34 -14.93
N VAL A 401 -13.34 -15.34 -14.62
CA VAL A 401 -14.79 -15.15 -14.74
C VAL A 401 -15.26 -14.08 -13.77
N ARG A 402 -14.49 -13.82 -12.71
CA ARG A 402 -14.88 -12.92 -11.64
C ARG A 402 -14.10 -11.61 -11.60
N HIS A 403 -12.94 -11.54 -12.24
CA HIS A 403 -12.08 -10.37 -12.10
C HIS A 403 -11.68 -9.86 -13.47
N SER A 404 -11.88 -8.55 -13.69
CA SER A 404 -11.41 -7.79 -14.83
C SER A 404 -10.12 -7.08 -14.47
N PRO A 405 -9.12 -7.07 -15.35
CA PRO A 405 -7.89 -6.33 -15.04
C PRO A 405 -7.99 -4.84 -15.33
N ILE A 406 -9.11 -4.37 -15.89
CA ILE A 406 -9.15 -3.01 -16.44
C ILE A 406 -8.96 -1.95 -15.35
N ASN A 407 -9.58 -2.15 -14.18
CA ASN A 407 -9.35 -1.25 -13.04
C ASN A 407 -7.87 -1.17 -12.69
N SER A 408 -7.21 -2.32 -12.67
CA SER A 408 -5.78 -2.39 -12.40
C SER A 408 -5.00 -1.51 -13.38
N TRP A 409 -5.33 -1.60 -14.67
CA TRP A 409 -4.67 -0.74 -15.66
C TRP A 409 -4.84 0.75 -15.31
N LEU A 410 -6.09 1.19 -15.11
CA LEU A 410 -6.33 2.59 -14.80
C LEU A 410 -5.53 3.03 -13.57
N GLY A 411 -5.51 2.20 -12.54
CA GLY A 411 -4.78 2.57 -11.33
C GLY A 411 -3.32 2.88 -11.58
N ASN A 412 -2.68 2.09 -12.44
CA ASN A 412 -1.27 2.35 -12.73
C ASN A 412 -1.09 3.55 -13.65
N ILE A 413 -2.03 3.78 -14.57
CA ILE A 413 -1.97 4.97 -15.42
C ILE A 413 -2.00 6.23 -14.57
N ILE A 414 -2.92 6.28 -13.61
CA ILE A 414 -3.01 7.44 -12.73
C ILE A 414 -1.76 7.56 -11.86
N GLN A 415 -1.36 6.46 -11.25
CA GLN A 415 -0.31 6.54 -10.25
C GLN A 415 1.09 6.70 -10.84
N TYR A 416 1.32 6.20 -12.06
CA TYR A 416 2.66 6.22 -12.65
C TYR A 416 2.66 6.80 -14.06
N ALA A 417 1.76 7.74 -14.33
CA ALA A 417 1.63 8.43 -15.60
C ALA A 417 2.95 8.93 -16.21
N PRO A 418 3.91 9.48 -15.43
CA PRO A 418 5.14 9.98 -16.06
C PRO A 418 6.11 8.89 -16.48
N THR A 419 5.93 7.64 -16.03
CA THR A 419 6.85 6.57 -16.34
C THR A 419 6.75 6.18 -17.81
N ILE A 420 7.86 5.67 -18.36
CA ILE A 420 7.89 5.27 -19.75
C ILE A 420 7.01 4.04 -19.99
N TRP A 421 6.98 3.10 -19.03
CA TRP A 421 6.18 1.88 -19.24
C TRP A 421 4.69 2.19 -19.21
N VAL A 422 4.25 3.13 -18.36
CA VAL A 422 2.84 3.52 -18.39
C VAL A 422 2.53 4.25 -19.70
N ARG A 423 3.39 5.19 -20.10
CA ARG A 423 3.12 5.97 -21.28
C ARG A 423 3.10 5.10 -22.55
N MET A 424 4.11 4.26 -22.73
CA MET A 424 4.21 3.53 -23.98
C MET A 424 3.45 2.21 -23.96
N VAL A 425 3.34 1.56 -22.80
CA VAL A 425 2.72 0.23 -22.77
C VAL A 425 1.28 0.34 -22.26
N LEU A 426 1.10 0.69 -20.99
CA LEU A 426 -0.23 0.58 -20.40
C LEU A 426 -1.23 1.52 -21.07
N MET A 427 -0.89 2.80 -21.25
CA MET A 427 -1.80 3.75 -21.90
C MET A 427 -2.20 3.26 -23.30
N THR A 428 -1.21 2.81 -24.08
CA THR A 428 -1.48 2.34 -25.44
C THR A 428 -2.45 1.17 -25.43
N HIS A 429 -2.18 0.19 -24.58
CA HIS A 429 -3.07 -0.97 -24.53
C HIS A 429 -4.44 -0.59 -23.96
N PHE A 430 -4.45 0.26 -22.95
CA PHE A 430 -5.68 0.75 -22.33
C PHE A 430 -6.63 1.35 -23.38
N PHE A 431 -6.17 2.40 -24.07
CA PHE A 431 -7.06 3.06 -25.02
C PHE A 431 -7.35 2.18 -26.22
N SER A 432 -6.41 1.28 -26.58
CA SER A 432 -6.71 0.37 -27.66
C SER A 432 -7.88 -0.54 -27.30
N ILE A 433 -7.93 -1.03 -26.08
CA ILE A 433 -8.97 -1.98 -25.70
C ILE A 433 -10.32 -1.28 -25.61
N LEU A 434 -10.32 -0.07 -25.06
CA LEU A 434 -11.58 0.62 -24.82
C LEU A 434 -12.20 1.11 -26.13
N MET A 435 -11.37 1.52 -27.10
CA MET A 435 -11.95 1.95 -28.38
C MET A 435 -12.64 0.79 -29.07
N VAL A 436 -12.00 -0.38 -29.10
CA VAL A 436 -12.56 -1.52 -29.81
C VAL A 436 -13.83 -2.03 -29.14
N GLN A 437 -13.87 -1.99 -27.80
CA GLN A 437 -15.09 -2.29 -27.04
C GLN A 437 -16.13 -1.18 -27.11
N ASP A 438 -15.78 -0.02 -27.68
CA ASP A 438 -16.60 1.20 -27.67
C ASP A 438 -17.11 1.55 -26.27
N THR A 439 -16.17 1.59 -25.30
CA THR A 439 -16.46 1.91 -23.90
C THR A 439 -15.62 3.08 -23.40
N LEU A 440 -15.18 3.98 -24.28
CA LEU A 440 -14.28 5.06 -23.86
C LEU A 440 -14.89 5.95 -22.79
N ASP A 441 -16.20 6.26 -22.88
CA ASP A 441 -16.80 7.21 -21.94
C ASP A 441 -17.60 6.51 -20.85
N GLN A 442 -17.26 5.29 -20.53
CA GLN A 442 -17.89 4.54 -19.45
C GLN A 442 -17.00 4.58 -18.22
N ASN A 443 -17.57 4.97 -17.08
CA ASN A 443 -16.77 5.15 -15.87
C ASN A 443 -16.12 3.84 -15.41
N LEU A 444 -14.90 3.97 -14.89
CA LEU A 444 -14.15 2.90 -14.24
C LEU A 444 -13.89 3.30 -12.79
N ASN A 445 -13.55 2.33 -11.95
CA ASN A 445 -13.23 2.61 -10.56
C ASN A 445 -11.72 2.62 -10.35
N PHE A 446 -11.26 3.60 -9.58
CA PHE A 446 -9.87 3.77 -9.19
C PHE A 446 -9.77 3.47 -7.71
N GLU A 447 -8.99 2.46 -7.33
CA GLU A 447 -8.92 1.95 -5.97
C GLU A 447 -7.59 2.33 -5.32
N MET A 448 -7.67 3.06 -4.20
CA MET A 448 -6.46 3.49 -3.52
C MET A 448 -6.75 3.67 -2.03
N TYR A 449 -5.98 2.97 -1.20
CA TYR A 449 -6.06 3.06 0.28
C TYR A 449 -7.47 2.78 0.79
N GLY A 450 -8.10 1.74 0.24
CA GLY A 450 -9.45 1.38 0.65
C GLY A 450 -10.58 2.02 -0.15
N SER A 451 -10.46 3.31 -0.50
CA SER A 451 -11.50 4.03 -1.20
C SER A 451 -11.52 3.71 -2.71
N VAL A 452 -12.71 3.83 -3.31
CA VAL A 452 -12.84 3.77 -4.77
C VAL A 452 -13.38 5.10 -5.27
N TYR A 453 -12.76 5.64 -6.30
CA TYR A 453 -13.18 6.89 -6.91
C TYR A 453 -13.62 6.60 -8.34
N SER A 454 -14.67 7.28 -8.79
CA SER A 454 -15.18 7.09 -10.15
C SER A 454 -14.41 7.97 -11.13
N VAL A 455 -13.92 7.37 -12.21
CA VAL A 455 -13.06 8.04 -13.19
C VAL A 455 -13.55 7.74 -14.60
N ASN A 456 -13.76 8.80 -15.40
CA ASN A 456 -14.07 8.62 -16.81
C ASN A 456 -12.78 8.60 -17.61
N PRO A 457 -12.51 7.55 -18.40
CA PRO A 457 -11.25 7.49 -19.17
C PRO A 457 -10.93 8.77 -19.93
N LEU A 458 -11.93 9.45 -20.49
CA LEU A 458 -11.67 10.64 -21.31
C LEU A 458 -11.20 11.84 -20.49
N ASP A 459 -11.19 11.72 -19.16
CA ASP A 459 -10.71 12.79 -18.28
C ASP A 459 -9.27 12.58 -17.82
N LEU A 460 -8.58 11.57 -18.32
CA LEU A 460 -7.19 11.33 -17.92
C LEU A 460 -6.23 12.47 -18.24
N PRO A 461 -6.36 13.23 -19.35
CA PRO A 461 -5.40 14.33 -19.53
C PRO A 461 -5.51 15.37 -18.44
N ALA A 462 -6.74 15.71 -18.01
CA ALA A 462 -6.90 16.69 -16.94
C ALA A 462 -6.43 16.12 -15.61
N ILE A 463 -6.85 14.89 -15.30
CA ILE A 463 -6.45 14.23 -14.05
C ILE A 463 -4.93 14.15 -13.95
N ILE A 464 -4.30 13.67 -15.02
CA ILE A 464 -2.85 13.49 -14.97
C ILE A 464 -2.15 14.83 -14.82
N GLU A 465 -2.66 15.88 -15.49
CA GLU A 465 -2.04 17.19 -15.32
C GLU A 465 -2.23 17.72 -13.90
N ARG A 466 -3.40 17.49 -13.31
CA ARG A 466 -3.58 17.93 -11.93
C ARG A 466 -2.65 17.18 -10.97
N LEU A 467 -2.34 15.91 -11.26
CA LEU A 467 -1.51 15.12 -10.35
C LEU A 467 -0.01 15.27 -10.59
N HIS A 468 0.42 15.27 -11.84
CA HIS A 468 1.83 15.22 -12.17
C HIS A 468 2.31 16.42 -12.97
N GLY A 469 1.42 17.34 -13.32
CA GLY A 469 1.77 18.49 -14.14
C GLY A 469 1.90 18.14 -15.61
N LEU A 470 2.09 19.18 -16.43
CA LEU A 470 2.20 18.99 -17.87
C LEU A 470 3.49 18.32 -18.30
N ASP A 471 4.46 18.20 -17.41
CA ASP A 471 5.71 17.50 -17.72
C ASP A 471 5.49 16.00 -17.90
N ALA A 472 4.38 15.46 -17.41
CA ALA A 472 4.05 14.05 -17.60
C ALA A 472 3.75 13.70 -19.06
N PHE A 473 3.48 14.70 -19.88
CA PHE A 473 3.23 14.51 -21.31
C PHE A 473 4.44 14.88 -22.16
N SER A 474 5.58 15.16 -21.56
CA SER A 474 6.70 15.72 -22.30
C SER A 474 8.05 15.11 -21.98
N MET A 475 8.11 14.12 -21.10
CA MET A 475 9.37 13.49 -20.72
C MET A 475 10.05 12.88 -21.94
N HIS A 476 11.26 13.33 -22.22
CA HIS A 476 11.97 12.95 -23.43
C HIS A 476 12.99 11.84 -23.21
N THR A 477 13.85 11.91 -22.19
CA THR A 477 15.03 11.06 -22.14
C THR A 477 15.13 10.33 -20.80
N TYR A 478 14.71 9.07 -20.78
CA TYR A 478 14.72 8.36 -19.52
C TYR A 478 16.12 7.81 -19.21
N SER A 479 16.29 7.42 -17.95
CA SER A 479 17.56 7.02 -17.40
C SER A 479 17.92 5.61 -17.81
N HIS A 480 19.22 5.35 -17.81
CA HIS A 480 19.72 4.03 -18.15
C HIS A 480 19.09 2.95 -17.28
N HIS A 481 19.01 3.18 -15.97
CA HIS A 481 18.34 2.20 -15.10
C HIS A 481 16.90 1.96 -15.54
N GLU A 482 16.17 3.05 -15.77
CA GLU A 482 14.76 2.93 -16.10
C GLU A 482 14.57 2.23 -17.45
N LEU A 483 15.36 2.58 -18.46
CA LEU A 483 15.25 1.88 -19.73
C LEU A 483 15.57 0.40 -19.58
N THR A 484 16.60 0.10 -18.78
CA THR A 484 17.00 -1.30 -18.65
C THR A 484 15.91 -2.12 -17.97
N ARG A 485 15.33 -1.59 -16.89
CA ARG A 485 14.33 -2.36 -16.15
C ARG A 485 13.09 -2.60 -17.00
N VAL A 486 12.62 -1.56 -17.69
CA VAL A 486 11.41 -1.70 -18.50
C VAL A 486 11.64 -2.68 -19.63
N ALA A 487 12.81 -2.62 -20.28
CA ALA A 487 13.06 -3.58 -21.35
C ALA A 487 13.15 -4.98 -20.78
N SER A 488 13.83 -5.14 -19.65
CA SER A 488 13.94 -6.44 -19.01
C SER A 488 12.58 -7.04 -18.72
N ALA A 489 11.68 -6.27 -18.08
CA ALA A 489 10.41 -6.82 -17.62
C ALA A 489 9.48 -7.17 -18.78
N LEU A 490 9.47 -6.36 -19.85
CA LEU A 490 8.70 -6.73 -21.04
C LEU A 490 9.17 -8.06 -21.62
N ARG A 491 10.49 -8.20 -21.82
CA ARG A 491 11.09 -9.50 -22.18
C ARG A 491 10.65 -10.60 -21.23
N LYS A 492 10.67 -10.33 -19.92
CA LYS A 492 10.35 -11.33 -18.90
C LYS A 492 8.90 -11.82 -18.96
N LEU A 493 7.97 -11.03 -19.52
CA LEU A 493 6.57 -11.42 -19.60
C LEU A 493 6.08 -11.69 -21.02
N GLY A 494 6.95 -11.60 -22.03
CA GLY A 494 6.53 -11.85 -23.39
C GLY A 494 5.76 -10.73 -24.01
N ALA A 495 5.92 -9.54 -23.53
CA ALA A 495 5.29 -8.39 -24.13
C ALA A 495 6.16 -7.90 -25.28
N PRO A 496 5.59 -7.14 -26.23
CA PRO A 496 6.42 -6.60 -27.33
C PRO A 496 7.46 -5.63 -26.80
N PRO A 497 8.56 -5.43 -27.53
CA PRO A 497 9.52 -4.40 -27.13
C PRO A 497 8.96 -2.99 -27.30
N LEU A 498 9.63 -2.02 -26.67
CA LEU A 498 9.15 -0.64 -26.75
C LEU A 498 9.02 -0.14 -28.19
N ARG A 499 9.85 -0.63 -29.12
CA ARG A 499 9.71 -0.19 -30.51
C ARG A 499 8.35 -0.58 -31.06
N VAL A 500 7.86 -1.77 -30.70
CA VAL A 500 6.56 -2.20 -31.18
C VAL A 500 5.44 -1.36 -30.56
N TRP A 501 5.56 -1.03 -29.27
CA TRP A 501 4.52 -0.21 -28.65
C TRP A 501 4.46 1.18 -29.25
N LYS A 502 5.60 1.71 -29.73
CA LYS A 502 5.59 3.01 -30.38
C LYS A 502 4.75 2.98 -31.66
N SER A 503 4.87 1.91 -32.46
CA SER A 503 4.01 1.75 -33.64
C SER A 503 2.54 1.68 -33.24
N ARG A 504 2.20 0.76 -32.33
CA ARG A 504 0.82 0.62 -31.88
C ARG A 504 0.25 1.94 -31.38
N ALA A 505 1.07 2.73 -30.67
CA ALA A 505 0.60 3.99 -30.09
C ALA A 505 0.32 5.04 -31.17
N ARG A 506 1.14 5.08 -32.23
CA ARG A 506 0.83 5.97 -33.35
C ARG A 506 -0.56 5.68 -33.89
N ALA A 507 -0.93 4.40 -33.98
CA ALA A 507 -2.26 3.99 -34.41
C ALA A 507 -3.34 4.42 -33.42
N VAL A 508 -3.15 4.14 -32.13
CA VAL A 508 -4.12 4.55 -31.12
C VAL A 508 -4.35 6.06 -31.18
N ARG A 509 -3.25 6.83 -31.32
CA ARG A 509 -3.37 8.28 -31.35
C ARG A 509 -4.23 8.73 -32.53
N ALA A 510 -3.93 8.18 -33.72
CA ALA A 510 -4.70 8.49 -34.91
C ALA A 510 -6.19 8.24 -34.71
N SER A 511 -6.56 7.05 -34.22
CA SER A 511 -7.98 6.75 -33.98
C SER A 511 -8.59 7.70 -32.96
N LEU A 512 -7.86 8.00 -31.88
CA LEU A 512 -8.38 8.91 -30.86
C LEU A 512 -8.63 10.29 -31.44
N ILE A 513 -7.70 10.81 -32.24
CA ILE A 513 -7.86 12.12 -32.82
C ILE A 513 -9.04 12.15 -33.79
N SER A 514 -9.27 11.05 -34.52
CA SER A 514 -10.36 11.04 -35.50
C SER A 514 -11.74 11.03 -34.82
N ARG A 515 -11.86 10.52 -33.60
CA ARG A 515 -13.15 10.55 -32.92
C ARG A 515 -13.55 11.94 -32.44
N GLY A 516 -12.65 12.93 -32.53
CA GLY A 516 -12.93 14.28 -32.07
C GLY A 516 -13.34 14.42 -30.63
N GLY A 517 -13.51 15.66 -30.16
CA GLY A 517 -14.00 15.86 -28.80
C GLY A 517 -12.99 15.47 -27.75
N LYS A 518 -13.50 14.89 -26.66
CA LYS A 518 -12.62 14.52 -25.54
C LYS A 518 -11.60 13.46 -25.95
N ALA A 519 -11.99 12.52 -26.82
CA ALA A 519 -11.04 11.49 -27.28
C ALA A 519 -9.83 12.11 -27.97
N ALA A 520 -10.05 13.14 -28.81
CA ALA A 520 -8.92 13.72 -29.52
C ALA A 520 -7.96 14.43 -28.56
N VAL A 521 -8.49 15.00 -27.47
CA VAL A 521 -7.61 15.58 -26.45
C VAL A 521 -6.71 14.51 -25.82
N CYS A 522 -7.28 13.32 -25.52
CA CYS A 522 -6.47 12.18 -25.08
C CYS A 522 -5.42 11.81 -26.12
N GLY A 523 -5.81 11.76 -27.39
CA GLY A 523 -4.85 11.45 -28.43
C GLY A 523 -3.69 12.43 -28.47
N ARG A 524 -3.96 13.72 -28.26
CA ARG A 524 -2.91 14.71 -28.41
C ARG A 524 -2.03 14.82 -27.19
N TYR A 525 -2.62 14.74 -26.00
CA TYR A 525 -1.85 14.90 -24.77
C TYR A 525 -1.18 13.60 -24.36
N LEU A 526 -1.93 12.51 -24.31
CA LEU A 526 -1.34 11.28 -23.81
C LEU A 526 -0.38 10.64 -24.79
N PHE A 527 -0.42 11.01 -26.08
CA PHE A 527 0.42 10.31 -27.06
C PHE A 527 1.32 11.22 -27.86
N ASN A 528 1.53 12.46 -27.38
CA ASN A 528 2.45 13.38 -28.04
C ASN A 528 3.84 12.78 -28.18
N TRP A 529 4.24 11.91 -27.26
CA TRP A 529 5.55 11.27 -27.32
C TRP A 529 5.75 10.42 -28.56
N ALA A 530 4.68 10.11 -29.30
CA ALA A 530 4.77 9.10 -30.34
C ALA A 530 4.91 9.67 -31.75
N VAL A 531 4.65 10.97 -31.94
CA VAL A 531 4.67 11.59 -33.27
C VAL A 531 5.98 12.34 -33.46
N LYS A 532 6.47 12.33 -34.72
CA LYS A 532 7.77 12.93 -35.02
C LYS A 532 7.78 14.42 -34.71
N THR A 533 6.69 15.12 -35.03
CA THR A 533 6.59 16.57 -34.89
C THR A 533 5.60 16.88 -33.77
N LYS A 534 6.13 17.23 -32.60
CA LYS A 534 5.32 17.37 -31.40
C LYS A 534 4.41 18.58 -31.48
N LEU A 535 3.15 18.41 -31.09
CA LEU A 535 2.27 19.55 -30.86
C LEU A 535 2.66 20.22 -29.55
N LYS A 536 2.37 21.52 -29.46
CA LYS A 536 2.67 22.27 -28.25
C LYS A 536 1.48 22.18 -27.29
N LEU A 537 1.66 21.46 -26.18
CA LEU A 537 0.57 21.23 -25.25
C LEU A 537 0.42 22.44 -24.32
N THR A 538 -0.79 22.87 -24.14
CA THR A 538 -1.12 23.98 -23.28
C THR A 538 -1.88 23.48 -22.05
N PRO A 539 -1.77 24.19 -20.92
CA PRO A 539 -2.53 23.78 -19.72
C PRO A 539 -4.00 23.60 -20.02
N LEU A 540 -4.61 22.62 -19.35
CA LEU A 540 -6.00 22.27 -19.56
C LEU A 540 -6.86 22.98 -18.54
N PRO A 541 -7.82 23.82 -18.96
CA PRO A 541 -8.70 24.51 -17.98
C PRO A 541 -9.36 23.57 -17.00
N GLU A 542 -9.70 22.35 -17.43
CA GLU A 542 -10.36 21.38 -16.58
C GLU A 542 -9.53 21.01 -15.36
N ALA A 543 -8.20 21.01 -15.51
CA ALA A 543 -7.32 20.53 -14.44
C ALA A 543 -7.39 21.42 -13.21
N ARG A 544 -7.67 22.71 -13.37
CA ARG A 544 -7.75 23.61 -12.21
C ARG A 544 -8.99 23.34 -11.37
N LEU A 545 -10.06 22.83 -12.00
CA LEU A 545 -11.30 22.50 -11.30
C LEU A 545 -11.24 21.21 -10.50
N LEU A 546 -10.15 20.44 -10.59
CA LEU A 546 -10.12 19.09 -10.05
C LEU A 546 -9.58 19.06 -8.61
N ASP A 547 -10.26 18.30 -7.74
CA ASP A 547 -9.86 18.08 -6.35
C ASP A 547 -9.50 16.61 -6.18
N LEU A 548 -8.21 16.30 -6.25
CA LEU A 548 -7.71 14.95 -6.05
C LEU A 548 -7.11 14.76 -4.67
N SER A 549 -7.50 15.62 -3.72
CA SER A 549 -6.89 15.68 -2.39
C SER A 549 -6.92 14.33 -1.69
N SER A 550 -8.10 13.69 -1.65
CA SER A 550 -8.27 12.49 -0.85
C SER A 550 -7.76 11.23 -1.55
N TRP A 551 -7.33 11.36 -2.81
CA TRP A 551 -6.97 10.19 -3.59
C TRP A 551 -5.80 9.46 -2.96
N PHE A 552 -4.75 10.20 -2.60
CA PHE A 552 -3.54 9.63 -2.02
C PHE A 552 -3.37 9.97 -0.53
N THR A 553 -4.46 9.95 0.22
CA THR A 553 -4.38 10.09 1.67
C THR A 553 -5.18 8.94 2.29
N VAL A 554 -5.54 9.08 3.55
CA VAL A 554 -6.25 8.01 4.26
C VAL A 554 -7.51 8.52 4.96
#